data_8QD6
#
_entry.id   8QD6
#
_cell.length_a   54.720
_cell.length_b   154.970
_cell.length_c   91.370
_cell.angle_alpha   90.00
_cell.angle_beta   90.00
_cell.angle_gamma   90.00
#
_symmetry.space_group_name_H-M   'C 2 2 21'
#
loop_
_entity.id
_entity.type
_entity.pdbx_description
1 polymer 'Photorhabdus luminescens subsp. laumondii TTO1 complete genome segment 15/17'
2 non-polymer 'SODIUM ION'
3 non-polymer 'TETRAETHYLENE GLYCOL'
4 non-polymer 'ACETATE ION'
5 water water
#
_entity_poly.entity_id   1
_entity_poly.type   'polypeptide(L)'
_entity_poly.pdbx_seq_one_letter_code
;MGSSHHHHHHSQDPNSMNNKNKPNRISPELLATCGYFMPRIFFLNSQYAPQVHWGDVVAALSHFPAGNLDLSSEEFWYEW
MINWSKVGDSYINIANSAKSEVSHVRALRSAAACYHWAEFMYFSDRSRKIQLREYIRSCFLSSIKYSDLLVDHQYIVVDK
FHMPFFLIFPKGYKEEENHPLPCVILSNGLDSMTEIEILSLAEFFLGKNMAVAIFDGPGQGINLGKSPIAIDMELYVSSI
VKLLEDDARINSNLLCFLGI(DHA)FGGYFALRVAQRIGDKFCCIVNLSGGPEIAEFDKLPRRLKEDFQFAFMQDNSHMQ
SIFDEIKLDISLPCKTKVFTVHGELDDIFQIDKVKKLDQLWGDNHQLLCYESEAHVCLNKINEYMIQVSDWVSEQFWLNG
YKKG
;
_entity_poly.pdbx_strand_id   A
#
loop_
_chem_comp.id
_chem_comp.type
_chem_comp.name
_chem_comp.formula
ACT non-polymer 'ACETATE ION' 'C2 H3 O2 -1'
NA non-polymer 'SODIUM ION' 'Na 1'
PG4 non-polymer 'TETRAETHYLENE GLYCOL' 'C8 H18 O5'
#
# COMPACT_ATOMS: atom_id res chain seq x y z
N ASN A 21 37.01 -15.42 -11.20
CA ASN A 21 35.87 -14.56 -10.76
C ASN A 21 34.73 -15.43 -10.21
N LYS A 22 33.94 -14.88 -9.29
CA LYS A 22 32.75 -15.53 -8.68
C LYS A 22 31.49 -14.87 -9.25
N PRO A 23 30.40 -15.63 -9.52
CA PRO A 23 29.15 -15.04 -10.01
C PRO A 23 28.55 -14.02 -9.03
N ASN A 24 27.92 -12.96 -9.56
CA ASN A 24 27.17 -11.97 -8.75
C ASN A 24 26.10 -12.71 -7.95
N ARG A 25 26.13 -12.58 -6.62
CA ARG A 25 25.23 -13.28 -5.67
C ARG A 25 25.01 -12.37 -4.46
N ILE A 26 23.89 -12.58 -3.74
CA ILE A 26 23.60 -11.91 -2.45
C ILE A 26 24.31 -12.72 -1.36
N SER A 27 25.05 -12.04 -0.46
CA SER A 27 25.71 -12.64 0.73
C SER A 27 24.69 -13.49 1.49
N PRO A 28 25.08 -14.69 2.00
CA PRO A 28 24.22 -15.47 2.88
C PRO A 28 23.73 -14.67 4.09
N GLU A 29 24.65 -13.98 4.77
CA GLU A 29 24.39 -13.12 5.97
C GLU A 29 23.29 -12.10 5.63
N LEU A 30 23.42 -11.44 4.48
CA LEU A 30 22.52 -10.33 4.06
C LEU A 30 21.13 -10.89 3.74
N LEU A 31 21.06 -11.97 2.96
CA LEU A 31 19.79 -12.55 2.48
C LEU A 31 18.94 -12.99 3.68
N ALA A 32 19.58 -13.64 4.66
CA ALA A 32 18.97 -14.10 5.93
C ALA A 32 18.49 -12.90 6.77
N THR A 33 19.34 -11.88 6.91
CA THR A 33 19.04 -10.61 7.64
C THR A 33 17.78 -9.96 7.07
N CYS A 34 17.61 -9.99 5.74
CA CYS A 34 16.53 -9.29 5.00
C CYS A 34 15.27 -10.16 4.89
N GLY A 35 15.27 -11.38 5.43
CA GLY A 35 14.18 -12.36 5.30
C GLY A 35 12.80 -11.74 5.50
N TYR A 36 12.65 -10.89 6.51
CA TYR A 36 11.36 -10.23 6.86
C TYR A 36 10.87 -9.40 5.67
N PHE A 37 11.80 -8.76 4.95
CA PHE A 37 11.49 -7.76 3.89
C PHE A 37 11.39 -8.40 2.50
N MET A 38 11.93 -9.61 2.29
CA MET A 38 11.94 -10.23 0.93
C MET A 38 10.51 -10.41 0.42
N PRO A 39 9.55 -10.92 1.23
CA PRO A 39 8.15 -10.99 0.79
C PRO A 39 7.55 -9.62 0.44
N ARG A 40 7.97 -8.56 1.13
CA ARG A 40 7.53 -7.16 0.87
C ARG A 40 8.08 -6.71 -0.49
N ILE A 41 9.38 -6.91 -0.70
CA ILE A 41 10.07 -6.44 -1.94
C ILE A 41 9.49 -7.13 -3.18
N PHE A 42 9.32 -8.46 -3.14
CA PHE A 42 8.75 -9.21 -4.28
C PHE A 42 7.25 -8.88 -4.44
N PHE A 43 6.58 -8.78 -3.30
CA PHE A 43 5.13 -8.45 -3.24
C PHE A 43 4.30 -9.39 -4.12
N LEU A 44 3.45 -8.81 -4.97
CA LEU A 44 2.50 -9.61 -5.80
C LEU A 44 2.90 -9.59 -7.28
N ASN A 45 2.76 -10.73 -7.94
CA ASN A 45 3.05 -10.80 -9.40
C ASN A 45 1.96 -9.93 -10.01
N SER A 46 2.38 -8.84 -10.63
CA SER A 46 1.47 -7.84 -11.26
CA SER A 46 1.38 -7.78 -11.18
C SER A 46 1.65 -7.51 -12.78
N GLN A 47 0.50 -7.18 -13.37
CA GLN A 47 0.47 -6.83 -14.80
C GLN A 47 0.84 -5.36 -15.00
N TYR A 48 0.35 -4.48 -14.13
CA TYR A 48 0.56 -3.03 -14.28
C TYR A 48 1.50 -2.45 -13.21
N ALA A 49 1.30 -2.85 -11.96
CA ALA A 49 2.13 -2.27 -10.89
C ALA A 49 3.59 -2.65 -11.10
N PRO A 50 4.54 -1.69 -11.00
CA PRO A 50 5.96 -2.02 -11.03
C PRO A 50 6.33 -3.16 -10.08
N GLN A 51 7.20 -4.07 -10.51
CA GLN A 51 7.67 -5.22 -9.69
C GLN A 51 9.13 -5.54 -10.02
N VAL A 52 9.93 -5.89 -9.02
CA VAL A 52 11.35 -6.32 -9.21
C VAL A 52 11.37 -7.74 -9.76
N HIS A 53 12.48 -8.08 -10.40
CA HIS A 53 12.93 -9.47 -10.69
C HIS A 53 13.97 -9.86 -9.64
N TRP A 54 14.19 -11.15 -9.43
CA TRP A 54 15.26 -11.65 -8.52
C TRP A 54 16.58 -10.94 -8.85
N GLY A 55 16.93 -10.85 -10.14
CA GLY A 55 18.18 -10.22 -10.62
C GLY A 55 18.33 -8.77 -10.14
N ASP A 56 17.23 -8.05 -9.95
CA ASP A 56 17.25 -6.65 -9.45
C ASP A 56 17.76 -6.64 -8.00
N VAL A 57 17.27 -7.58 -7.18
CA VAL A 57 17.72 -7.73 -5.76
C VAL A 57 19.21 -8.06 -5.77
N VAL A 58 19.65 -8.95 -6.67
CA VAL A 58 21.09 -9.31 -6.81
C VAL A 58 21.88 -8.06 -7.17
N ALA A 59 21.43 -7.28 -8.16
CA ALA A 59 22.08 -6.03 -8.60
C ALA A 59 22.20 -5.06 -7.41
N ALA A 60 21.17 -4.97 -6.58
CA ALA A 60 21.11 -4.04 -5.42
C ALA A 60 22.10 -4.51 -4.34
N LEU A 61 22.15 -5.81 -4.06
CA LEU A 61 22.80 -6.33 -2.82
C LEU A 61 24.13 -7.06 -3.10
N SER A 62 24.47 -7.37 -4.36
CA SER A 62 25.67 -8.17 -4.71
C SER A 62 26.95 -7.45 -4.26
N HIS A 63 26.98 -6.11 -4.30
CA HIS A 63 28.14 -5.26 -3.91
C HIS A 63 27.80 -4.45 -2.65
N PHE A 64 26.85 -4.93 -1.83
CA PHE A 64 26.46 -4.30 -0.54
C PHE A 64 27.63 -4.48 0.43
N PRO A 65 28.10 -3.41 1.11
CA PRO A 65 29.28 -3.51 1.96
C PRO A 65 29.06 -4.52 3.09
N ALA A 66 30.06 -5.37 3.34
CA ALA A 66 30.06 -6.42 4.39
C ALA A 66 30.15 -5.75 5.77
N GLY A 67 29.72 -6.45 6.82
CA GLY A 67 29.77 -5.98 8.22
C GLY A 67 28.71 -4.93 8.49
N ASN A 68 27.70 -4.83 7.62
CA ASN A 68 26.61 -3.83 7.68
C ASN A 68 25.29 -4.61 7.60
N LEU A 69 24.82 -5.16 8.74
CA LEU A 69 23.71 -6.15 8.79
C LEU A 69 22.70 -5.81 9.91
N ASP A 70 22.66 -4.56 10.37
CA ASP A 70 21.73 -4.10 11.45
C ASP A 70 20.54 -3.38 10.81
N LEU A 71 19.36 -4.03 10.83
CA LEU A 71 18.11 -3.51 10.22
C LEU A 71 17.60 -2.27 10.98
N SER A 72 18.06 -2.04 12.20
CA SER A 72 17.65 -0.90 13.05
C SER A 72 18.57 0.32 12.82
N SER A 73 19.68 0.15 12.09
CA SER A 73 20.74 1.17 11.93
C SER A 73 20.49 2.04 10.69
N GLU A 74 20.70 3.35 10.85
CA GLU A 74 20.58 4.38 9.79
C GLU A 74 21.54 4.07 8.64
N GLU A 75 22.73 3.56 8.99
CA GLU A 75 23.85 3.30 8.03
C GLU A 75 23.45 2.18 7.07
N PHE A 76 22.74 1.15 7.55
CA PHE A 76 22.24 0.03 6.70
C PHE A 76 21.32 0.59 5.62
N TRP A 77 20.33 1.39 6.02
CA TRP A 77 19.27 1.88 5.11
C TRP A 77 19.82 2.95 4.17
N TYR A 78 20.87 3.68 4.56
CA TYR A 78 21.57 4.61 3.63
C TYR A 78 22.17 3.79 2.47
N GLU A 79 22.94 2.74 2.78
CA GLU A 79 23.60 1.90 1.74
C GLU A 79 22.51 1.21 0.90
N TRP A 80 21.41 0.79 1.52
CA TRP A 80 20.24 0.17 0.84
C TRP A 80 19.71 1.15 -0.21
N MET A 81 19.45 2.39 0.21
CA MET A 81 18.93 3.47 -0.68
C MET A 81 19.92 3.69 -1.85
N ILE A 82 21.22 3.83 -1.56
CA ILE A 82 22.30 4.06 -2.58
C ILE A 82 22.28 2.92 -3.60
N ASN A 83 22.26 1.69 -3.13
CA ASN A 83 22.46 0.48 -3.98
C ASN A 83 21.21 0.25 -4.84
N TRP A 84 20.01 0.39 -4.26
CA TRP A 84 18.74 0.27 -5.01
C TRP A 84 18.60 1.43 -6.02
N SER A 85 19.04 2.64 -5.67
CA SER A 85 19.05 3.81 -6.57
C SER A 85 19.86 3.50 -7.83
N LYS A 86 21.02 2.85 -7.68
CA LYS A 86 21.89 2.44 -8.82
C LYS A 86 21.12 1.52 -9.77
N VAL A 87 20.32 0.59 -9.25
CA VAL A 87 19.56 -0.38 -10.10
C VAL A 87 18.45 0.40 -10.82
N GLY A 88 17.76 1.29 -10.12
CA GLY A 88 16.75 2.19 -10.72
C GLY A 88 17.35 2.99 -11.86
N ASP A 89 18.50 3.62 -11.63
CA ASP A 89 19.25 4.41 -12.64
C ASP A 89 19.54 3.55 -13.88
N SER A 90 19.97 2.30 -13.68
CA SER A 90 20.30 1.36 -14.78
CA SER A 90 20.30 1.36 -14.79
C SER A 90 19.05 1.13 -15.66
N TYR A 91 17.89 0.98 -15.03
CA TYR A 91 16.61 0.77 -15.76
C TYR A 91 16.20 2.04 -16.49
N ILE A 92 16.42 3.22 -15.92
CA ILE A 92 16.11 4.51 -16.62
C ILE A 92 16.99 4.60 -17.88
N ASN A 93 18.25 4.18 -17.79
CA ASN A 93 19.19 4.15 -18.94
C ASN A 93 18.64 3.21 -20.03
N ILE A 94 18.16 2.03 -19.63
CA ILE A 94 17.52 1.05 -20.56
C ILE A 94 16.27 1.71 -21.16
N ALA A 95 15.45 2.39 -20.35
CA ALA A 95 14.19 3.04 -20.80
C ALA A 95 14.51 4.11 -21.84
N ASN A 96 15.51 4.95 -21.56
CA ASN A 96 15.92 6.09 -22.42
C ASN A 96 16.40 5.60 -23.80
N SER A 97 16.98 4.40 -23.87
CA SER A 97 17.59 3.82 -25.09
C SER A 97 16.68 2.76 -25.73
N ALA A 98 15.54 2.44 -25.11
CA ALA A 98 14.58 1.42 -25.58
C ALA A 98 14.10 1.78 -27.00
N LYS A 99 14.00 0.78 -27.87
CA LYS A 99 13.71 0.95 -29.32
C LYS A 99 12.20 0.80 -29.58
N SER A 100 11.41 0.47 -28.56
CA SER A 100 9.93 0.33 -28.64
C SER A 100 9.27 0.91 -27.38
N GLU A 101 8.00 1.30 -27.50
CA GLU A 101 7.17 1.77 -26.35
C GLU A 101 7.02 0.64 -25.33
N VAL A 102 6.78 -0.60 -25.77
CA VAL A 102 6.57 -1.76 -24.86
C VAL A 102 7.84 -1.96 -24.01
N SER A 103 9.02 -1.85 -24.62
CA SER A 103 10.34 -1.97 -23.94
C SER A 103 10.54 -0.79 -22.99
N HIS A 104 10.20 0.42 -23.45
CA HIS A 104 10.27 1.68 -22.66
C HIS A 104 9.47 1.51 -21.36
N VAL A 105 8.21 1.06 -21.47
CA VAL A 105 7.27 0.90 -20.31
C VAL A 105 7.82 -0.15 -19.34
N ARG A 106 8.26 -1.31 -19.84
CA ARG A 106 8.78 -2.38 -18.95
C ARG A 106 9.97 -1.85 -18.15
N ALA A 107 10.89 -1.13 -18.80
CA ALA A 107 12.09 -0.53 -18.16
C ALA A 107 11.66 0.51 -17.11
N LEU A 108 10.72 1.39 -17.45
CA LEU A 108 10.17 2.42 -16.51
C LEU A 108 9.57 1.73 -15.28
N ARG A 109 8.82 0.65 -15.47
CA ARG A 109 8.16 -0.10 -14.36
C ARG A 109 9.26 -0.65 -13.45
N SER A 110 10.27 -1.30 -14.04
CA SER A 110 11.42 -1.86 -13.29
C SER A 110 12.12 -0.75 -12.50
N ALA A 111 12.38 0.40 -13.13
CA ALA A 111 13.03 1.56 -12.48
C ALA A 111 12.19 2.00 -11.27
N ALA A 112 10.89 2.19 -11.45
CA ALA A 112 9.93 2.64 -10.41
C ALA A 112 9.98 1.70 -9.20
N ALA A 113 9.96 0.38 -9.43
CA ALA A 113 10.02 -0.64 -8.36
C ALA A 113 11.32 -0.47 -7.58
N CYS A 114 12.45 -0.35 -8.28
CA CYS A 114 13.80 -0.22 -7.66
C CYS A 114 13.85 1.06 -6.81
N TYR A 115 13.37 2.18 -7.33
CA TYR A 115 13.37 3.48 -6.60
C TYR A 115 12.47 3.38 -5.35
N HIS A 116 11.36 2.65 -5.43
CA HIS A 116 10.46 2.44 -4.27
C HIS A 116 11.23 1.71 -3.16
N TRP A 117 11.93 0.62 -3.48
CA TRP A 117 12.64 -0.18 -2.45
C TRP A 117 13.85 0.61 -1.94
N ALA A 118 14.41 1.50 -2.74
CA ALA A 118 15.46 2.45 -2.31
C ALA A 118 14.91 3.34 -1.17
N GLU A 119 13.66 3.79 -1.26
CA GLU A 119 13.14 4.92 -0.42
C GLU A 119 12.26 4.43 0.76
N PHE A 120 11.61 3.26 0.66
CA PHE A 120 10.44 2.91 1.53
C PHE A 120 10.84 2.84 3.01
N MET A 121 12.11 2.54 3.33
CA MET A 121 12.58 2.43 4.73
C MET A 121 13.78 3.36 4.96
N TYR A 122 13.87 4.43 4.15
CA TYR A 122 14.92 5.49 4.22
C TYR A 122 14.26 6.82 4.59
N PHE A 123 14.72 7.47 5.65
CA PHE A 123 14.05 8.66 6.24
C PHE A 123 15.03 9.80 6.53
N SER A 124 16.35 9.60 6.37
CA SER A 124 17.40 10.50 6.92
C SER A 124 17.63 11.72 6.03
N ASP A 125 17.20 11.70 4.75
CA ASP A 125 17.20 12.86 3.82
C ASP A 125 15.79 13.03 3.24
N ARG A 126 15.01 13.94 3.82
CA ARG A 126 13.61 14.22 3.43
C ARG A 126 13.53 14.51 1.92
N SER A 127 14.39 15.41 1.43
CA SER A 127 14.42 15.86 0.01
C SER A 127 14.72 14.68 -0.91
N ARG A 128 15.67 13.82 -0.53
CA ARG A 128 16.05 12.62 -1.34
C ARG A 128 14.86 11.66 -1.41
N LYS A 129 14.20 11.41 -0.27
CA LYS A 129 13.03 10.49 -0.22
C LYS A 129 11.93 11.02 -1.13
N ILE A 130 11.57 12.30 -1.00
CA ILE A 130 10.52 12.97 -1.83
C ILE A 130 10.93 12.87 -3.30
N GLN A 131 12.22 13.11 -3.62
CA GLN A 131 12.75 13.02 -5.00
C GLN A 131 12.49 11.62 -5.56
N LEU A 132 12.78 10.57 -4.79
CA LEU A 132 12.58 9.17 -5.24
C LEU A 132 11.09 8.89 -5.47
N ARG A 133 10.20 9.38 -4.60
CA ARG A 133 8.73 9.18 -4.78
C ARG A 133 8.27 9.95 -6.02
N GLU A 134 8.85 11.12 -6.29
CA GLU A 134 8.55 11.93 -7.51
C GLU A 134 8.99 11.16 -8.76
N TYR A 135 10.16 10.51 -8.74
CA TYR A 135 10.65 9.62 -9.84
C TYR A 135 9.60 8.55 -10.11
N ILE A 136 9.15 7.85 -9.07
CA ILE A 136 8.15 6.75 -9.16
C ILE A 136 6.88 7.30 -9.81
N ARG A 137 6.37 8.43 -9.31
CA ARG A 137 5.10 9.04 -9.81
C ARG A 137 5.27 9.43 -11.28
N SER A 138 6.41 10.02 -11.65
CA SER A 138 6.74 10.40 -13.04
C SER A 138 6.75 9.16 -13.94
N CYS A 139 7.40 8.08 -13.50
CA CYS A 139 7.46 6.77 -14.20
C CYS A 139 6.05 6.22 -14.39
N PHE A 140 5.20 6.31 -13.36
CA PHE A 140 3.81 5.79 -13.33
C PHE A 140 2.96 6.52 -14.38
N LEU A 141 2.95 7.85 -14.34
CA LEU A 141 2.14 8.69 -15.25
C LEU A 141 2.57 8.44 -16.71
N SER A 142 3.86 8.15 -16.93
CA SER A 142 4.43 7.80 -18.27
C SER A 142 3.95 6.42 -18.71
N SER A 143 3.86 5.47 -17.78
CA SER A 143 3.36 4.08 -18.00
C SER A 143 1.88 4.10 -18.41
N ILE A 144 1.08 5.02 -17.83
CA ILE A 144 -0.38 5.16 -18.10
C ILE A 144 -0.60 5.50 -19.58
N LYS A 145 0.26 6.36 -20.14
CA LYS A 145 0.17 6.84 -21.55
C LYS A 145 0.11 5.64 -22.52
N TYR A 146 0.90 4.59 -22.26
CA TYR A 146 1.09 3.42 -23.15
C TYR A 146 0.22 2.23 -22.70
N SER A 147 -0.45 2.34 -21.55
CA SER A 147 -1.27 1.25 -20.95
C SER A 147 -2.61 1.11 -21.68
N ASP A 148 -3.33 0.02 -21.42
CA ASP A 148 -4.63 -0.32 -22.06
C ASP A 148 -5.78 -0.12 -21.05
N LEU A 149 -5.48 0.45 -19.87
CA LEU A 149 -6.49 0.79 -18.83
C LEU A 149 -6.91 2.25 -18.97
N LEU A 150 -8.20 2.54 -18.83
CA LEU A 150 -8.74 3.91 -18.65
C LEU A 150 -8.39 4.37 -17.23
N VAL A 151 -7.52 5.37 -17.10
CA VAL A 151 -7.16 6.01 -15.80
C VAL A 151 -7.71 7.45 -15.82
N ASP A 152 -8.64 7.74 -14.91
CA ASP A 152 -9.11 9.12 -14.60
C ASP A 152 -8.26 9.66 -13.45
N HIS A 153 -7.24 10.48 -13.76
CA HIS A 153 -6.35 11.14 -12.79
C HIS A 153 -6.82 12.58 -12.57
N GLN A 154 -7.04 12.97 -11.32
CA GLN A 154 -7.45 14.36 -10.94
C GLN A 154 -7.08 14.63 -9.48
N TYR A 155 -7.23 15.88 -9.06
CA TYR A 155 -7.16 16.32 -7.64
C TYR A 155 -8.59 16.37 -7.09
N ILE A 156 -8.82 15.80 -5.91
CA ILE A 156 -10.05 16.01 -5.09
C ILE A 156 -9.71 17.07 -4.03
N VAL A 157 -10.39 18.21 -4.08
CA VAL A 157 -10.07 19.28 -3.10
C VAL A 157 -10.87 19.02 -1.82
N VAL A 158 -10.17 18.77 -0.72
CA VAL A 158 -10.81 18.60 0.61
C VAL A 158 -10.35 19.81 1.42
N ASP A 159 -11.24 20.77 1.69
CA ASP A 159 -10.82 22.01 2.39
C ASP A 159 -9.70 22.65 1.55
N LYS A 160 -8.56 22.96 2.16
CA LYS A 160 -7.38 23.44 1.39
C LYS A 160 -6.49 22.36 0.81
N PHE A 161 -6.81 21.08 1.02
CA PHE A 161 -5.93 19.98 0.54
C PHE A 161 -6.32 19.48 -0.86
N HIS A 162 -5.35 19.47 -1.77
CA HIS A 162 -5.50 18.95 -3.15
C HIS A 162 -5.00 17.50 -3.19
N MET A 163 -5.93 16.53 -3.16
CA MET A 163 -5.64 15.09 -3.01
C MET A 163 -5.47 14.43 -4.38
N PRO A 164 -4.25 13.95 -4.73
CA PRO A 164 -4.08 13.13 -5.93
C PRO A 164 -5.02 11.92 -5.89
N PHE A 165 -5.72 11.67 -7.00
CA PHE A 165 -6.78 10.64 -7.10
C PHE A 165 -6.69 9.96 -8.47
N PHE A 166 -6.78 8.62 -8.48
CA PHE A 166 -6.78 7.78 -9.69
C PHE A 166 -8.01 6.87 -9.67
N LEU A 167 -8.93 7.07 -10.60
CA LEU A 167 -10.06 6.13 -10.86
C LEU A 167 -9.69 5.28 -12.09
N ILE A 168 -9.54 3.98 -11.89
CA ILE A 168 -9.04 3.03 -12.92
C ILE A 168 -10.15 2.02 -13.24
N PHE A 169 -10.41 1.79 -14.52
CA PHE A 169 -11.50 0.91 -15.01
C PHE A 169 -10.91 -0.39 -15.54
N PRO A 170 -11.66 -1.51 -15.51
CA PRO A 170 -11.16 -2.81 -15.96
C PRO A 170 -10.76 -2.81 -17.45
N LYS A 171 -9.94 -3.78 -17.84
CA LYS A 171 -9.43 -3.96 -19.23
C LYS A 171 -10.61 -3.97 -20.21
N GLY A 172 -10.52 -3.16 -21.27
CA GLY A 172 -11.50 -3.11 -22.37
C GLY A 172 -12.82 -2.49 -21.96
N TYR A 173 -12.83 -1.68 -20.88
CA TYR A 173 -14.04 -1.02 -20.35
C TYR A 173 -14.56 0.02 -21.35
N LYS A 174 -15.85 -0.04 -21.66
CA LYS A 174 -16.60 0.98 -22.45
C LYS A 174 -17.88 1.34 -21.69
N GLU A 175 -18.04 2.61 -21.33
CA GLU A 175 -19.22 3.13 -20.57
C GLU A 175 -20.52 2.72 -21.27
N GLU A 176 -20.54 2.74 -22.61
CA GLU A 176 -21.73 2.48 -23.46
C GLU A 176 -22.12 0.99 -23.41
N GLU A 177 -21.16 0.10 -23.12
CA GLU A 177 -21.33 -1.39 -23.16
C GLU A 177 -21.39 -1.97 -21.74
N ASN A 178 -21.48 -1.12 -20.71
CA ASN A 178 -21.46 -1.53 -19.27
C ASN A 178 -22.57 -0.81 -18.52
N HIS A 179 -23.16 -1.50 -17.53
CA HIS A 179 -23.93 -0.90 -16.40
C HIS A 179 -22.93 -0.23 -15.45
N PRO A 180 -23.38 0.66 -14.54
CA PRO A 180 -22.50 1.22 -13.51
C PRO A 180 -21.74 0.11 -12.76
N LEU A 181 -20.43 0.25 -12.61
CA LEU A 181 -19.53 -0.78 -12.02
C LEU A 181 -19.48 -0.64 -10.51
N PRO A 182 -19.21 -1.74 -9.77
CA PRO A 182 -18.76 -1.65 -8.38
C PRO A 182 -17.37 -0.99 -8.34
N CYS A 183 -17.04 -0.36 -7.22
CA CYS A 183 -15.74 0.32 -7.03
C CYS A 183 -15.15 -0.02 -5.66
N VAL A 184 -13.86 -0.37 -5.66
CA VAL A 184 -13.05 -0.60 -4.42
C VAL A 184 -12.14 0.62 -4.25
N ILE A 185 -12.25 1.29 -3.11
CA ILE A 185 -11.30 2.35 -2.67
C ILE A 185 -10.21 1.65 -1.85
N LEU A 186 -8.93 1.82 -2.22
CA LEU A 186 -7.78 1.20 -1.52
C LEU A 186 -6.90 2.30 -0.93
N SER A 187 -6.53 2.17 0.34
CA SER A 187 -5.62 3.11 1.06
C SER A 187 -4.22 2.52 1.16
N ASN A 188 -3.22 3.39 0.96
CA ASN A 188 -1.81 3.17 1.36
C ASN A 188 -1.72 2.76 2.83
N GLY A 189 -0.69 1.98 3.15
CA GLY A 189 -0.13 1.87 4.51
C GLY A 189 0.90 2.95 4.75
N LEU A 190 1.67 2.83 5.83
CA LEU A 190 2.60 3.88 6.31
C LEU A 190 3.68 4.16 5.26
N ASP A 191 4.19 3.13 4.59
CA ASP A 191 5.43 3.22 3.77
C ASP A 191 5.22 2.60 2.38
N SER A 192 3.96 2.33 1.99
CA SER A 192 3.61 1.89 0.62
C SER A 192 3.68 3.10 -0.31
N MET A 193 3.78 2.84 -1.61
CA MET A 193 3.60 3.84 -2.69
C MET A 193 2.37 3.41 -3.49
N THR A 194 1.53 4.38 -3.82
CA THR A 194 0.18 4.13 -4.38
C THR A 194 0.23 3.26 -5.63
N GLU A 195 1.16 3.53 -6.53
CA GLU A 195 1.23 2.79 -7.82
C GLU A 195 2.04 1.49 -7.68
N ILE A 196 2.52 1.18 -6.48
CA ILE A 196 3.31 -0.07 -6.31
C ILE A 196 2.50 -1.13 -5.56
N GLU A 197 2.44 -1.04 -4.23
CA GLU A 197 1.70 -2.07 -3.46
C GLU A 197 0.20 -1.92 -3.67
N ILE A 198 -0.33 -0.70 -3.64
CA ILE A 198 -1.80 -0.50 -3.71
C ILE A 198 -2.36 -0.87 -5.09
N LEU A 199 -1.72 -0.43 -6.17
CA LEU A 199 -2.13 -0.84 -7.54
C LEU A 199 -2.02 -2.36 -7.65
N SER A 200 -1.00 -2.98 -7.05
CA SER A 200 -0.83 -4.46 -7.03
C SER A 200 -2.09 -5.11 -6.44
N LEU A 201 -2.56 -4.63 -5.28
CA LEU A 201 -3.78 -5.15 -4.61
C LEU A 201 -4.98 -4.88 -5.53
N ALA A 202 -5.04 -3.67 -6.08
CA ALA A 202 -6.16 -3.18 -6.92
C ALA A 202 -6.40 -4.10 -8.12
N GLU A 203 -5.34 -4.69 -8.69
CA GLU A 203 -5.42 -5.57 -9.88
C GLU A 203 -6.36 -6.77 -9.62
N PHE A 204 -6.47 -7.22 -8.37
CA PHE A 204 -7.38 -8.34 -7.99
C PHE A 204 -8.84 -7.94 -8.23
N PHE A 205 -9.17 -6.66 -8.07
CA PHE A 205 -10.54 -6.13 -8.24
C PHE A 205 -10.77 -5.75 -9.71
N LEU A 206 -9.77 -5.13 -10.35
CA LEU A 206 -9.82 -4.82 -11.81
C LEU A 206 -10.06 -6.12 -12.59
N GLY A 207 -9.43 -7.23 -12.15
CA GLY A 207 -9.56 -8.56 -12.77
C GLY A 207 -10.98 -9.10 -12.70
N LYS A 208 -11.78 -8.59 -11.75
CA LYS A 208 -13.18 -9.02 -11.50
C LYS A 208 -14.15 -7.97 -12.05
N ASN A 209 -13.70 -7.14 -12.99
CA ASN A 209 -14.52 -6.14 -13.71
C ASN A 209 -15.11 -5.13 -12.71
N MET A 210 -14.33 -4.76 -11.69
CA MET A 210 -14.65 -3.66 -10.74
C MET A 210 -13.76 -2.46 -11.08
N ALA A 211 -14.27 -1.24 -10.89
CA ALA A 211 -13.45 0.00 -10.85
C ALA A 211 -12.63 -0.03 -9.56
N VAL A 212 -11.47 0.62 -9.55
CA VAL A 212 -10.68 0.85 -8.31
C VAL A 212 -10.37 2.33 -8.21
N ALA A 213 -10.37 2.84 -6.98
CA ALA A 213 -9.99 4.23 -6.62
C ALA A 213 -8.80 4.16 -5.68
N ILE A 214 -7.64 4.66 -6.12
CA ILE A 214 -6.41 4.76 -5.29
C ILE A 214 -6.05 6.25 -5.20
N PHE A 215 -5.44 6.66 -4.09
CA PHE A 215 -5.37 8.09 -3.70
C PHE A 215 -4.17 8.34 -2.78
N ASP A 216 -3.73 9.59 -2.76
CA ASP A 216 -2.63 10.09 -1.90
C ASP A 216 -3.25 11.07 -0.90
N GLY A 217 -3.76 10.55 0.22
CA GLY A 217 -4.18 11.37 1.37
C GLY A 217 -3.00 12.14 1.95
N PRO A 218 -3.21 13.04 2.93
CA PRO A 218 -2.09 13.70 3.61
C PRO A 218 -1.12 12.63 4.14
N GLY A 219 0.18 12.82 3.95
CA GLY A 219 1.25 11.91 4.42
C GLY A 219 1.23 10.56 3.73
N GLN A 220 0.54 10.45 2.59
CA GLN A 220 0.45 9.16 1.85
C GLN A 220 0.97 9.32 0.42
N GLY A 221 1.55 8.26 -0.13
CA GLY A 221 2.03 8.29 -1.52
C GLY A 221 2.99 9.43 -1.76
N ILE A 222 2.68 10.27 -2.74
CA ILE A 222 3.52 11.45 -3.13
C ILE A 222 3.57 12.52 -2.03
N ASN A 223 2.60 12.54 -1.11
CA ASN A 223 2.52 13.51 0.02
C ASN A 223 3.34 13.07 1.24
N LEU A 224 3.91 11.85 1.24
CA LEU A 224 4.73 11.39 2.39
C LEU A 224 5.96 12.30 2.53
N GLY A 225 6.12 12.94 3.68
CA GLY A 225 7.21 13.90 3.98
C GLY A 225 6.84 15.33 3.62
N LYS A 226 5.69 15.55 2.97
CA LYS A 226 5.19 16.89 2.56
C LYS A 226 4.15 17.37 3.57
N SER A 227 3.13 16.55 3.84
CA SER A 227 2.03 16.80 4.80
C SER A 227 2.01 15.68 5.83
N PRO A 228 1.73 15.97 7.12
CA PRO A 228 1.57 14.93 8.13
C PRO A 228 0.42 13.99 7.76
N ILE A 229 0.58 12.70 8.04
CA ILE A 229 -0.49 11.72 7.75
C ILE A 229 -1.68 12.07 8.65
N ALA A 230 -2.89 12.00 8.09
CA ALA A 230 -4.12 12.35 8.85
C ALA A 230 -4.67 11.11 9.56
N ILE A 231 -4.85 11.21 10.88
CA ILE A 231 -5.45 10.09 11.65
C ILE A 231 -6.89 9.89 11.17
N ASP A 232 -7.62 10.99 10.93
CA ASP A 232 -9.02 10.93 10.46
C ASP A 232 -9.06 10.86 8.93
N MET A 233 -8.49 9.81 8.35
CA MET A 233 -8.41 9.66 6.88
C MET A 233 -9.82 9.51 6.29
N GLU A 234 -10.76 9.03 7.11
CA GLU A 234 -12.17 8.81 6.69
C GLU A 234 -12.78 10.11 6.12
N LEU A 235 -12.29 11.28 6.56
CA LEU A 235 -12.71 12.59 6.03
C LEU A 235 -12.40 12.66 4.52
N TYR A 236 -11.22 12.17 4.13
CA TYR A 236 -10.72 12.20 2.73
C TYR A 236 -11.45 11.11 1.92
N VAL A 237 -11.75 9.97 2.56
CA VAL A 237 -12.48 8.84 1.93
C VAL A 237 -13.90 9.30 1.60
N SER A 238 -14.54 10.07 2.49
CA SER A 238 -15.90 10.66 2.30
C SER A 238 -15.94 11.46 0.98
N SER A 239 -14.90 12.25 0.70
CA SER A 239 -14.79 13.10 -0.51
C SER A 239 -14.68 12.23 -1.77
N ILE A 240 -14.01 11.08 -1.67
CA ILE A 240 -13.93 10.07 -2.78
C ILE A 240 -15.32 9.49 -3.01
N VAL A 241 -16.01 9.10 -1.94
CA VAL A 241 -17.39 8.53 -1.97
C VAL A 241 -18.31 9.51 -2.74
N LYS A 242 -18.23 10.81 -2.44
CA LYS A 242 -19.07 11.85 -3.07
C LYS A 242 -18.76 11.91 -4.57
N LEU A 243 -17.48 11.83 -4.96
CA LEU A 243 -17.05 11.80 -6.39
C LEU A 243 -17.70 10.59 -7.08
N LEU A 244 -17.63 9.40 -6.45
CA LEU A 244 -18.14 8.12 -7.01
C LEU A 244 -19.67 8.17 -7.10
N GLU A 245 -20.33 8.83 -6.14
CA GLU A 245 -21.80 9.07 -6.15
C GLU A 245 -22.19 9.89 -7.39
N ASP A 246 -21.35 10.86 -7.77
CA ASP A 246 -21.62 11.82 -8.88
C ASP A 246 -21.27 11.17 -10.22
N ASP A 247 -20.30 10.25 -10.25
CA ASP A 247 -19.84 9.56 -11.49
C ASP A 247 -20.89 8.52 -11.91
N ALA A 248 -21.48 8.67 -13.11
CA ALA A 248 -22.53 7.79 -13.65
C ALA A 248 -21.98 6.39 -13.96
N ARG A 249 -20.67 6.29 -14.19
CA ARG A 249 -19.98 5.01 -14.56
C ARG A 249 -19.87 4.09 -13.33
N ILE A 250 -20.02 4.62 -12.12
CA ILE A 250 -19.81 3.87 -10.84
C ILE A 250 -21.17 3.67 -10.15
N ASN A 251 -21.42 2.46 -9.64
CA ASN A 251 -22.57 2.13 -8.77
C ASN A 251 -22.15 2.39 -7.32
N SER A 252 -22.53 3.54 -6.79
CA SER A 252 -22.13 4.01 -5.44
C SER A 252 -22.77 3.15 -4.34
N ASN A 253 -23.69 2.27 -4.73
CA ASN A 253 -24.34 1.35 -3.77
C ASN A 253 -23.54 0.05 -3.69
N LEU A 254 -22.46 -0.04 -4.47
CA LEU A 254 -21.58 -1.24 -4.49
C LEU A 254 -20.15 -0.76 -4.29
N LEU A 255 -19.85 -0.27 -3.09
CA LEU A 255 -18.51 0.26 -2.75
C LEU A 255 -17.87 -0.58 -1.66
N CYS A 256 -16.57 -0.83 -1.83
CA CYS A 256 -15.71 -1.50 -0.83
C CYS A 256 -14.59 -0.52 -0.46
N PHE A 257 -14.18 -0.49 0.80
CA PHE A 257 -12.93 0.18 1.26
C PHE A 257 -11.96 -0.90 1.72
N LEU A 258 -10.75 -0.90 1.16
CA LEU A 258 -9.64 -1.81 1.56
C LEU A 258 -8.45 -0.97 2.02
N GLY A 259 -7.89 -1.31 3.18
CA GLY A 259 -6.65 -0.70 3.68
C GLY A 259 -5.64 -1.76 4.04
N ILE A 260 -4.37 -1.49 3.76
CA ILE A 260 -3.26 -2.42 4.13
C ILE A 260 -2.41 -1.71 5.20
N DHA A 261 -1.99 -2.42 6.24
CA DHA A 261 -1.31 -1.87 7.24
CB DHA A 261 -0.10 -2.29 7.59
C DHA A 261 -1.90 -0.86 7.94
O DHA A 261 -3.02 -0.98 8.37
N PHE A 262 -1.23 0.28 8.03
CA PHE A 262 -1.84 1.45 8.73
C PHE A 262 -3.13 1.83 8.01
N GLY A 263 -3.18 1.61 6.70
CA GLY A 263 -4.39 1.79 5.88
C GLY A 263 -5.52 0.91 6.37
N GLY A 264 -5.18 -0.26 6.92
CA GLY A 264 -6.14 -1.20 7.54
C GLY A 264 -6.73 -0.60 8.81
N TYR A 265 -5.91 0.12 9.59
CA TYR A 265 -6.37 0.94 10.73
C TYR A 265 -7.43 1.92 10.23
N PHE A 266 -7.13 2.65 9.14
CA PHE A 266 -8.10 3.59 8.49
C PHE A 266 -9.36 2.82 8.10
N ALA A 267 -9.23 1.57 7.62
CA ALA A 267 -10.37 0.72 7.23
C ALA A 267 -11.31 0.52 8.42
N LEU A 268 -10.75 0.26 9.61
CA LEU A 268 -11.54 0.09 10.86
C LEU A 268 -12.25 1.42 11.21
N ARG A 269 -11.58 2.55 11.02
CA ARG A 269 -12.15 3.91 11.26
C ARG A 269 -13.33 4.15 10.31
N VAL A 270 -13.13 3.88 9.02
CA VAL A 270 -14.15 4.03 7.95
C VAL A 270 -15.38 3.19 8.32
N ALA A 271 -15.16 1.95 8.77
CA ALA A 271 -16.21 1.01 9.23
C ALA A 271 -17.08 1.67 10.32
N GLN A 272 -16.44 2.37 11.27
CA GLN A 272 -17.11 3.00 12.44
C GLN A 272 -17.83 4.28 12.02
N ARG A 273 -17.16 5.18 11.29
CA ARG A 273 -17.71 6.51 10.93
C ARG A 273 -18.58 6.53 9.67
N ILE A 274 -18.18 5.88 8.59
CA ILE A 274 -18.95 5.95 7.32
C ILE A 274 -19.21 4.56 6.73
N GLY A 275 -19.33 3.54 7.57
CA GLY A 275 -19.51 2.15 7.09
C GLY A 275 -20.74 1.97 6.22
N ASP A 276 -21.82 2.68 6.53
CA ASP A 276 -23.12 2.55 5.82
C ASP A 276 -22.98 2.96 4.34
N LYS A 277 -21.87 3.59 3.96
CA LYS A 277 -21.55 3.94 2.54
C LYS A 277 -20.99 2.73 1.79
N PHE A 278 -20.60 1.66 2.50
CA PHE A 278 -19.88 0.49 1.94
C PHE A 278 -20.65 -0.82 2.17
N CYS A 279 -20.71 -1.65 1.13
CA CYS A 279 -21.20 -3.06 1.19
C CYS A 279 -20.27 -3.87 2.09
N CYS A 280 -18.98 -3.57 2.07
CA CYS A 280 -17.96 -4.31 2.85
C CYS A 280 -16.66 -3.52 2.91
N ILE A 281 -15.83 -3.86 3.91
CA ILE A 281 -14.51 -3.23 4.18
C ILE A 281 -13.51 -4.35 4.41
N VAL A 282 -12.30 -4.19 3.87
CA VAL A 282 -11.20 -5.19 4.05
C VAL A 282 -10.07 -4.50 4.82
N ASN A 283 -9.62 -5.14 5.90
CA ASN A 283 -8.52 -4.69 6.77
C ASN A 283 -7.37 -5.69 6.63
N LEU A 284 -6.37 -5.36 5.81
CA LEU A 284 -5.16 -6.22 5.65
C LEU A 284 -4.14 -5.82 6.72
N SER A 285 -4.27 -6.42 7.90
CA SER A 285 -3.27 -6.40 9.00
C SER A 285 -3.13 -5.00 9.63
N GLY A 286 -4.17 -4.17 9.53
CA GLY A 286 -4.39 -3.04 10.45
C GLY A 286 -4.96 -3.54 11.77
N GLY A 287 -4.94 -2.70 12.79
CA GLY A 287 -5.47 -3.03 14.14
C GLY A 287 -6.04 -1.81 14.83
N PRO A 288 -6.82 -2.00 15.92
CA PRO A 288 -7.43 -0.88 16.64
C PRO A 288 -6.43 -0.02 17.43
N GLU A 289 -5.23 -0.54 17.70
CA GLU A 289 -4.15 0.22 18.38
C GLU A 289 -2.78 -0.38 18.04
N ILE A 290 -1.73 0.44 18.11
CA ILE A 290 -0.33 0.07 17.78
C ILE A 290 0.38 -0.32 19.08
N ALA A 291 1.36 -1.23 18.99
CA ALA A 291 2.25 -1.61 20.12
C ALA A 291 2.99 -0.37 20.61
N GLU A 292 3.47 -0.41 21.86
CA GLU A 292 4.23 0.69 22.52
C GLU A 292 5.28 1.23 21.53
N PHE A 293 5.27 2.54 21.27
CA PHE A 293 6.16 3.23 20.30
C PHE A 293 7.63 2.96 20.65
N ASP A 294 8.00 3.13 21.92
CA ASP A 294 9.41 3.09 22.41
C ASP A 294 10.06 1.76 22.02
N LYS A 295 9.30 0.66 22.02
CA LYS A 295 9.83 -0.72 21.85
C LYS A 295 9.61 -1.24 20.43
N LEU A 296 9.20 -0.40 19.48
CA LEU A 296 8.98 -0.81 18.06
C LEU A 296 10.31 -1.29 17.46
N PRO A 297 10.31 -2.42 16.72
CA PRO A 297 11.53 -2.97 16.15
C PRO A 297 11.96 -2.30 14.84
N ARG A 298 13.16 -2.65 14.37
CA ARG A 298 13.71 -2.25 13.04
C ARG A 298 13.68 -0.71 12.96
N ARG A 299 13.12 -0.18 11.86
CA ARG A 299 13.16 1.28 11.56
C ARG A 299 11.78 1.90 11.79
N LEU A 300 10.90 1.22 12.52
CA LEU A 300 9.45 1.57 12.61
C LEU A 300 9.28 2.90 13.35
N LYS A 301 10.10 3.19 14.36
CA LYS A 301 10.04 4.48 15.09
C LYS A 301 10.24 5.62 14.09
N GLU A 302 11.29 5.53 13.26
CA GLU A 302 11.67 6.59 12.28
C GLU A 302 10.60 6.64 11.18
N ASP A 303 10.02 5.49 10.84
CA ASP A 303 8.94 5.33 9.83
C ASP A 303 7.72 6.13 10.30
N PHE A 304 7.23 5.87 11.51
CA PHE A 304 6.06 6.58 12.10
C PHE A 304 6.39 8.07 12.27
N GLN A 305 7.60 8.37 12.76
CA GLN A 305 8.08 9.78 12.94
C GLN A 305 7.97 10.52 11.60
N PHE A 306 8.49 9.92 10.53
CA PHE A 306 8.55 10.55 9.18
C PHE A 306 7.14 10.81 8.67
N ALA A 307 6.26 9.80 8.75
CA ALA A 307 4.85 9.86 8.27
C ALA A 307 4.09 10.98 9.00
N PHE A 308 4.29 11.11 10.32
CA PHE A 308 3.57 12.10 11.18
C PHE A 308 4.36 13.43 11.24
N MET A 309 5.57 13.47 10.67
CA MET A 309 6.45 14.66 10.65
C MET A 309 6.63 15.17 12.09
N GLN A 310 6.95 14.24 13.00
CA GLN A 310 7.09 14.46 14.46
C GLN A 310 8.36 13.75 14.96
N ASP A 311 8.88 14.18 16.11
CA ASP A 311 10.08 13.58 16.74
C ASP A 311 9.65 12.45 17.69
N ASN A 312 10.62 11.71 18.21
CA ASN A 312 10.45 10.53 19.11
C ASN A 312 9.51 10.89 20.27
N SER A 313 9.72 12.04 20.92
CA SER A 313 9.08 12.43 22.20
C SER A 313 7.56 12.63 22.04
N HIS A 314 7.06 12.87 20.82
CA HIS A 314 5.64 13.22 20.54
C HIS A 314 4.83 12.00 20.08
N MET A 315 5.48 10.86 19.79
CA MET A 315 4.86 9.75 19.02
C MET A 315 3.93 8.92 19.91
N GLN A 316 4.29 8.63 21.17
CA GLN A 316 3.44 7.77 22.05
C GLN A 316 2.09 8.45 22.26
N SER A 317 2.06 9.78 22.42
CA SER A 317 0.83 10.59 22.56
C SER A 317 -0.06 10.42 21.32
N ILE A 318 0.54 10.45 20.12
CA ILE A 318 -0.18 10.23 18.83
C ILE A 318 -0.77 8.81 18.84
N PHE A 319 0.01 7.81 19.25
CA PHE A 319 -0.42 6.39 19.34
C PHE A 319 -1.64 6.29 20.27
N ASP A 320 -1.61 7.01 21.40
CA ASP A 320 -2.71 7.05 22.41
C ASP A 320 -4.01 7.60 21.77
N GLU A 321 -3.86 8.66 20.94
CA GLU A 321 -4.98 9.28 20.17
C GLU A 321 -5.47 8.32 19.09
N ILE A 322 -4.55 7.61 18.42
CA ILE A 322 -4.85 6.63 17.33
C ILE A 322 -5.78 5.53 17.87
N LYS A 323 -5.51 5.01 19.07
CA LYS A 323 -6.27 3.89 19.69
C LYS A 323 -7.77 4.11 19.51
N LEU A 324 -8.45 3.14 18.89
CA LEU A 324 -9.91 3.21 18.61
C LEU A 324 -10.70 2.89 19.89
N ASP A 325 -11.92 3.43 19.97
CA ASP A 325 -12.97 2.96 20.90
C ASP A 325 -13.71 1.82 20.19
N ILE A 326 -13.36 0.57 20.48
CA ILE A 326 -13.88 -0.64 19.78
C ILE A 326 -15.35 -0.86 20.18
N SER A 327 -15.85 -0.18 21.22
CA SER A 327 -17.26 -0.21 21.65
C SER A 327 -18.15 0.52 20.62
N LEU A 328 -17.62 1.54 19.95
CA LEU A 328 -18.33 2.31 18.89
C LEU A 328 -18.72 1.34 17.77
N PRO A 329 -19.98 1.40 17.27
CA PRO A 329 -20.51 0.37 16.40
C PRO A 329 -19.82 0.28 15.02
N CYS A 330 -19.59 -0.94 14.55
CA CYS A 330 -19.17 -1.28 13.16
C CYS A 330 -20.41 -1.35 12.27
N LYS A 331 -20.45 -0.53 11.21
CA LYS A 331 -21.69 -0.20 10.43
C LYS A 331 -21.75 -0.97 9.11
N THR A 332 -20.86 -1.94 8.89
CA THR A 332 -20.84 -2.79 7.66
C THR A 332 -20.06 -4.08 7.92
N LYS A 333 -19.97 -4.94 6.91
CA LYS A 333 -19.23 -6.24 6.96
C LYS A 333 -17.72 -5.96 6.80
N VAL A 334 -16.91 -6.46 7.74
CA VAL A 334 -15.44 -6.27 7.77
C VAL A 334 -14.77 -7.66 7.66
N PHE A 335 -13.76 -7.76 6.81
CA PHE A 335 -12.87 -8.94 6.67
C PHE A 335 -11.45 -8.50 7.04
N THR A 336 -10.90 -9.06 8.12
CA THR A 336 -9.50 -8.80 8.57
C THR A 336 -8.63 -10.02 8.27
N VAL A 337 -7.49 -9.80 7.60
CA VAL A 337 -6.38 -10.78 7.46
C VAL A 337 -5.27 -10.34 8.42
N HIS A 338 -4.84 -11.21 9.33
CA HIS A 338 -3.85 -10.86 10.38
C HIS A 338 -2.95 -12.05 10.71
N GLY A 339 -1.69 -11.75 11.04
CA GLY A 339 -0.67 -12.72 11.47
C GLY A 339 -0.61 -12.82 12.99
N GLU A 340 -0.59 -14.03 13.52
CA GLU A 340 -0.46 -14.32 14.98
C GLU A 340 0.77 -13.60 15.54
N LEU A 341 1.85 -13.50 14.76
CA LEU A 341 3.18 -13.00 15.22
C LEU A 341 3.40 -11.54 14.81
N ASP A 342 2.31 -10.82 14.50
CA ASP A 342 2.43 -9.39 14.14
C ASP A 342 2.95 -8.64 15.37
N ASP A 343 4.04 -7.89 15.20
CA ASP A 343 4.68 -7.17 16.35
C ASP A 343 4.28 -5.70 16.35
N ILE A 344 3.48 -5.26 15.38
CA ILE A 344 3.07 -3.84 15.30
C ILE A 344 1.61 -3.70 15.75
N PHE A 345 0.73 -4.49 15.14
CA PHE A 345 -0.68 -4.56 15.55
C PHE A 345 -0.84 -5.93 16.21
N GLN A 346 -0.81 -5.97 17.53
CA GLN A 346 -0.83 -7.25 18.26
C GLN A 346 -2.16 -7.97 18.02
N ILE A 347 -2.09 -9.29 17.86
CA ILE A 347 -3.27 -10.14 17.49
C ILE A 347 -4.34 -10.08 18.59
N ASP A 348 -3.95 -9.98 19.87
CA ASP A 348 -4.88 -9.97 21.03
C ASP A 348 -5.89 -8.83 20.87
N LYS A 349 -5.43 -7.66 20.43
CA LYS A 349 -6.27 -6.43 20.25
C LYS A 349 -7.23 -6.65 19.07
N VAL A 350 -6.75 -7.26 17.99
CA VAL A 350 -7.56 -7.61 16.78
C VAL A 350 -8.64 -8.63 17.19
N LYS A 351 -8.24 -9.66 17.94
CA LYS A 351 -9.16 -10.75 18.38
C LYS A 351 -10.22 -10.19 19.33
N LYS A 352 -9.85 -9.23 20.19
CA LYS A 352 -10.78 -8.51 21.09
C LYS A 352 -11.82 -7.76 20.24
N LEU A 353 -11.39 -7.07 19.19
CA LEU A 353 -12.26 -6.33 18.23
C LEU A 353 -13.16 -7.33 17.50
N ASP A 354 -12.60 -8.46 17.07
CA ASP A 354 -13.30 -9.54 16.33
C ASP A 354 -14.49 -10.03 17.15
N GLN A 355 -14.26 -10.36 18.42
CA GLN A 355 -15.31 -10.87 19.36
C GLN A 355 -16.38 -9.80 19.57
N LEU A 356 -15.97 -8.56 19.85
CA LEU A 356 -16.86 -7.40 20.15
C LEU A 356 -17.77 -7.11 18.95
N TRP A 357 -17.19 -7.05 17.75
CA TRP A 357 -17.89 -6.69 16.49
C TRP A 357 -18.76 -7.85 15.99
N GLY A 358 -18.46 -9.08 16.44
CA GLY A 358 -19.30 -10.28 16.28
C GLY A 358 -19.57 -10.64 14.83
N ASP A 359 -20.85 -10.71 14.44
CA ASP A 359 -21.34 -11.25 13.14
C ASP A 359 -20.87 -10.37 11.97
N ASN A 360 -20.56 -9.09 12.23
CA ASN A 360 -20.18 -8.10 11.18
C ASN A 360 -18.67 -8.15 10.91
N HIS A 361 -17.90 -8.90 11.68
CA HIS A 361 -16.43 -9.03 11.52
C HIS A 361 -16.03 -10.49 11.30
N GLN A 362 -15.25 -10.75 10.26
CA GLN A 362 -14.62 -12.07 9.96
C GLN A 362 -13.09 -11.91 10.07
N LEU A 363 -12.44 -12.80 10.81
CA LEU A 363 -10.96 -12.80 11.00
C LEU A 363 -10.37 -14.04 10.34
N LEU A 364 -9.48 -13.83 9.36
CA LEU A 364 -8.54 -14.86 8.84
C LEU A 364 -7.21 -14.65 9.54
N CYS A 365 -6.87 -15.53 10.48
CA CYS A 365 -5.65 -15.46 11.31
C CYS A 365 -4.67 -16.56 10.88
N TYR A 366 -3.48 -16.16 10.45
CA TYR A 366 -2.37 -17.07 10.02
C TYR A 366 -1.43 -17.28 11.21
N GLU A 367 -1.33 -18.53 11.69
CA GLU A 367 -0.74 -18.94 12.99
C GLU A 367 0.76 -18.59 13.08
N SER A 368 1.50 -18.66 11.98
CA SER A 368 2.98 -18.54 11.96
C SER A 368 3.42 -17.39 11.04
N GLU A 369 2.58 -16.37 10.87
CA GLU A 369 2.85 -15.21 9.97
C GLU A 369 3.12 -13.96 10.81
N ALA A 370 4.05 -13.14 10.30
CA ALA A 370 4.39 -11.83 10.87
C ALA A 370 3.44 -10.77 10.29
N HIS A 371 3.73 -9.51 10.55
CA HIS A 371 2.89 -8.38 10.11
C HIS A 371 2.66 -8.43 8.59
N VAL A 372 1.38 -8.37 8.21
CA VAL A 372 0.83 -8.30 6.82
C VAL A 372 0.79 -9.69 6.15
N CYS A 373 1.32 -10.73 6.80
CA CYS A 373 1.17 -12.13 6.35
C CYS A 373 1.64 -12.27 4.89
N LEU A 374 2.77 -11.66 4.54
CA LEU A 374 3.19 -11.47 3.13
C LEU A 374 3.60 -12.80 2.48
N ASN A 375 3.85 -13.86 3.26
CA ASN A 375 4.11 -15.21 2.70
C ASN A 375 2.80 -15.80 2.14
N LYS A 376 1.65 -15.20 2.46
CA LYS A 376 0.31 -15.73 2.10
C LYS A 376 -0.45 -14.77 1.18
N ILE A 377 0.17 -13.67 0.73
CA ILE A 377 -0.56 -12.55 0.08
C ILE A 377 -1.25 -13.03 -1.20
N ASN A 378 -0.61 -13.88 -2.01
CA ASN A 378 -1.25 -14.42 -3.24
C ASN A 378 -2.55 -15.14 -2.84
N GLU A 379 -2.47 -16.10 -1.91
CA GLU A 379 -3.66 -16.93 -1.53
C GLU A 379 -4.72 -16.05 -0.86
N TYR A 380 -4.35 -15.12 0.03
CA TYR A 380 -5.36 -14.35 0.80
C TYR A 380 -5.99 -13.28 -0.10
N MET A 381 -5.28 -12.77 -1.11
CA MET A 381 -5.89 -11.79 -2.04
C MET A 381 -6.88 -12.50 -2.98
N ILE A 382 -6.62 -13.76 -3.34
CA ILE A 382 -7.64 -14.59 -4.06
C ILE A 382 -8.89 -14.65 -3.18
N GLN A 383 -8.74 -15.04 -1.92
CA GLN A 383 -9.87 -15.22 -0.96
C GLN A 383 -10.56 -13.87 -0.73
N VAL A 384 -9.79 -12.81 -0.51
CA VAL A 384 -10.33 -11.45 -0.21
C VAL A 384 -11.16 -10.95 -1.41
N SER A 385 -10.61 -11.06 -2.62
CA SER A 385 -11.26 -10.56 -3.86
C SER A 385 -12.59 -11.29 -4.08
N ASP A 386 -12.63 -12.60 -3.86
CA ASP A 386 -13.85 -13.44 -3.96
C ASP A 386 -14.85 -13.05 -2.87
N TRP A 387 -14.36 -12.74 -1.67
CA TRP A 387 -15.22 -12.32 -0.53
C TRP A 387 -15.90 -10.99 -0.87
N VAL A 388 -15.15 -10.04 -1.44
CA VAL A 388 -15.70 -8.70 -1.83
C VAL A 388 -16.79 -8.89 -2.89
N SER A 389 -16.51 -9.67 -3.95
CA SER A 389 -17.49 -10.03 -5.00
C SER A 389 -18.77 -10.59 -4.37
N GLU A 390 -18.61 -11.48 -3.38
CA GLU A 390 -19.72 -12.13 -2.63
C GLU A 390 -20.56 -11.05 -1.93
N GLN A 391 -19.91 -10.07 -1.29
CA GLN A 391 -20.61 -8.99 -0.54
C GLN A 391 -21.43 -8.14 -1.51
N PHE A 392 -20.90 -7.84 -2.70
CA PHE A 392 -21.61 -7.08 -3.76
C PHE A 392 -22.82 -7.90 -4.23
N TRP A 393 -22.64 -9.20 -4.42
CA TRP A 393 -23.72 -10.15 -4.81
C TRP A 393 -24.81 -10.16 -3.73
N LEU A 394 -24.42 -10.13 -2.44
CA LEU A 394 -25.37 -10.13 -1.29
C LEU A 394 -26.16 -8.80 -1.25
N ASN A 395 -25.61 -7.72 -1.81
CA ASN A 395 -26.26 -6.40 -1.92
C ASN A 395 -26.93 -6.25 -3.30
N GLY A 396 -27.08 -7.37 -4.03
CA GLY A 396 -27.98 -7.49 -5.19
C GLY A 396 -27.30 -7.20 -6.52
N TYR A 397 -25.99 -7.43 -6.63
CA TYR A 397 -25.22 -7.27 -7.89
C TYR A 397 -25.26 -8.57 -8.68
NA NA B . -22.35 6.92 -9.27
O1 PG4 C . 20.09 9.94 -13.00
C1 PG4 C . 18.91 9.88 -12.24
C2 PG4 C . 17.89 8.93 -12.81
O2 PG4 C . 16.79 9.66 -13.35
C3 PG4 C . 15.53 9.23 -12.86
C4 PG4 C . 14.46 9.56 -13.86
O3 PG4 C . 13.18 9.48 -13.25
C5 PG4 C . 12.15 10.07 -14.03
C6 PG4 C . 11.37 9.01 -14.74
O4 PG4 C . 11.10 9.43 -16.07
C7 PG4 C . 9.73 9.29 -16.45
C8 PG4 C . 9.55 9.73 -17.86
O5 PG4 C . 9.10 11.07 -17.96
C ACT D . 8.30 -2.87 9.16
O ACT D . 7.41 -3.70 9.45
OXT ACT D . 9.46 -2.90 9.61
CH3 ACT D . 7.94 -1.74 8.19
#